data_3KEW
#
_entry.id   3KEW
#
_cell.length_a   57.849
_cell.length_b   57.922
_cell.length_c   178.441
_cell.angle_alpha   90.00
_cell.angle_beta   90.00
_cell.angle_gamma   90.00
#
_symmetry.space_group_name_H-M   'P 21 21 21'
#
loop_
_entity.id
_entity.type
_entity.pdbx_description
1 polymer 'DHHA1 domain protein'
2 non-polymer 'ZINC ION'
3 water water
#
_entity_poly.entity_id   1
_entity_poly.type   'polypeptide(L)'
_entity_poly.pdbx_seq_one_letter_code
;MSLTKLYYEDQYIKEFKGEIIEVKEIDGKFHVLLDQTAFFPGGGGQMGDLGLIDGIKVLDVYEEEGKVYHVLEKEPKKLK
NLQCELDWERRFDGMQQHLGQHLLSGCFYDLFGANTCGFHLGKEISTVDIVGFLDEKTIREAEKEANRLIFENLEVKSYA
PSKKELKKVKTRRALPKTDEEIRIVEIVGLDLNACCGVHPRNTRDLQVIKIRRWEKHKNATRIEYVAGNRAVSEGHHHHH
H
;
_entity_poly.pdbx_strand_id   A,B
#
loop_
_chem_comp.id
_chem_comp.type
_chem_comp.name
_chem_comp.formula
ZN non-polymer 'ZINC ION' 'Zn 2'
#
# COMPACT_ATOMS: atom_id res chain seq x y z
N LEU A 3 6.55 20.52 -33.53
CA LEU A 3 5.51 19.47 -33.38
C LEU A 3 4.91 19.44 -31.96
N THR A 4 3.81 18.70 -31.80
CA THR A 4 2.92 18.88 -30.65
C THR A 4 3.28 18.07 -29.39
N LYS A 5 3.32 18.75 -28.24
CA LYS A 5 3.49 18.10 -26.94
C LYS A 5 2.20 18.21 -26.10
N LEU A 6 1.39 17.15 -26.19
CA LEU A 6 0.04 17.12 -25.60
C LEU A 6 0.01 17.16 -24.07
N TYR A 7 1.04 16.57 -23.45
CA TYR A 7 1.19 16.54 -21.99
C TYR A 7 1.21 17.91 -21.32
N TYR A 8 1.63 18.94 -22.05
CA TYR A 8 1.58 20.31 -21.57
C TYR A 8 0.29 21.06 -21.98
N GLU A 9 -0.56 20.42 -22.77
CA GLU A 9 -1.83 21.02 -23.20
C GLU A 9 -2.99 20.49 -22.35
N ASP A 10 -3.04 19.18 -22.20
CA ASP A 10 -3.98 18.49 -21.34
C ASP A 10 -3.27 17.27 -20.74
N GLN A 11 -2.93 17.38 -19.47
CA GLN A 11 -2.16 16.33 -18.78
C GLN A 11 -2.95 15.07 -18.47
N TYR A 12 -4.26 15.10 -18.70
CA TYR A 12 -5.13 13.95 -18.44
C TYR A 12 -5.41 13.10 -19.67
N ILE A 13 -4.91 13.51 -20.84
CA ILE A 13 -5.01 12.70 -22.05
C ILE A 13 -4.16 11.45 -21.86
N LYS A 14 -4.81 10.29 -21.91
CA LYS A 14 -4.11 9.02 -21.76
C LYS A 14 -4.14 8.14 -23.03
N GLU A 15 -5.02 8.46 -23.97
CA GLU A 15 -5.05 7.83 -25.31
C GLU A 15 -5.16 8.91 -26.36
N PHE A 16 -4.47 8.69 -27.48
CA PHE A 16 -4.43 9.66 -28.57
C PHE A 16 -4.06 9.03 -29.91
N LYS A 17 -4.23 9.81 -30.97
CA LYS A 17 -3.91 9.40 -32.33
C LYS A 17 -2.61 10.04 -32.75
N GLY A 18 -1.73 9.24 -33.35
CA GLY A 18 -0.43 9.74 -33.74
C GLY A 18 0.03 9.20 -35.06
N GLU A 19 0.94 9.94 -35.68
CA GLU A 19 1.55 9.54 -36.93
C GLU A 19 3.05 9.56 -36.76
N ILE A 20 3.67 8.42 -37.07
CA ILE A 20 5.12 8.28 -37.05
C ILE A 20 5.75 9.09 -38.18
N ILE A 21 6.60 10.04 -37.80
CA ILE A 21 7.22 11.00 -38.71
C ILE A 21 8.64 10.57 -39.13
N GLU A 22 9.30 9.79 -38.25
CA GLU A 22 10.66 9.31 -38.47
C GLU A 22 10.85 7.96 -37.78
N VAL A 23 11.60 7.05 -38.40
CA VAL A 23 12.04 5.81 -37.78
C VAL A 23 13.56 5.64 -37.93
N LYS A 24 14.27 5.49 -36.81
CA LYS A 24 15.69 5.11 -36.81
C LYS A 24 15.93 3.84 -36.00
N GLU A 25 16.47 2.81 -36.65
CA GLU A 25 16.85 1.59 -35.95
C GLU A 25 18.23 1.74 -35.32
N ILE A 26 18.27 1.70 -33.99
CA ILE A 26 19.51 1.80 -33.23
C ILE A 26 19.64 0.55 -32.37
N ASP A 27 20.55 -0.33 -32.78
CA ASP A 27 20.75 -1.69 -32.25
C ASP A 27 19.55 -2.37 -31.56
N GLY A 28 18.69 -2.98 -32.38
CA GLY A 28 17.57 -3.80 -31.89
C GLY A 28 16.27 -3.05 -31.64
N LYS A 29 16.38 -1.74 -31.42
CA LYS A 29 15.24 -0.90 -31.04
C LYS A 29 14.94 0.19 -32.08
N PHE A 30 13.68 0.60 -32.13
CA PHE A 30 13.22 1.53 -33.15
C PHE A 30 12.79 2.88 -32.56
N HIS A 31 13.66 3.87 -32.74
CA HIS A 31 13.45 5.21 -32.20
C HIS A 31 12.54 6.01 -33.13
N VAL A 32 11.31 6.30 -32.69
CA VAL A 32 10.35 7.01 -33.54
C VAL A 32 9.98 8.42 -33.06
N LEU A 33 9.73 9.30 -34.03
CA LEU A 33 9.20 10.63 -33.78
C LEU A 33 7.72 10.57 -34.14
N LEU A 34 6.90 11.38 -33.46
CA LEU A 34 5.46 11.44 -33.72
C LEU A 34 5.05 12.88 -34.03
N ASP A 35 3.95 13.03 -34.78
CA ASP A 35 3.42 14.36 -35.10
C ASP A 35 2.93 15.09 -33.84
N GLN A 36 2.29 14.33 -32.95
CA GLN A 36 1.85 14.81 -31.64
C GLN A 36 2.04 13.71 -30.61
N THR A 37 2.44 14.08 -29.40
CA THR A 37 2.64 13.07 -28.37
C THR A 37 2.16 13.50 -26.98
N ALA A 38 1.58 12.54 -26.26
CA ALA A 38 1.25 12.72 -24.86
C ALA A 38 2.25 11.98 -23.96
N PHE A 39 3.29 11.40 -24.57
CA PHE A 39 4.36 10.74 -23.80
C PHE A 39 5.32 11.80 -23.27
N PHE A 40 5.35 11.94 -21.94
CA PHE A 40 6.29 12.84 -21.25
C PHE A 40 7.66 12.19 -21.34
N PRO A 41 8.68 12.95 -21.80
CA PRO A 41 10.08 12.45 -21.83
C PRO A 41 10.80 12.48 -20.47
N GLY A 42 10.24 13.21 -19.51
CA GLY A 42 10.91 13.50 -18.24
C GLY A 42 11.17 14.99 -18.10
N GLY A 43 11.33 15.47 -16.88
CA GLY A 43 11.56 16.89 -16.62
C GLY A 43 11.25 17.33 -15.19
N GLY A 44 12.04 18.26 -14.67
CA GLY A 44 11.91 18.75 -13.30
C GLY A 44 12.07 17.71 -12.18
N GLY A 45 12.75 16.61 -12.48
CA GLY A 45 12.93 15.52 -11.54
C GLY A 45 11.98 14.35 -11.75
N GLN A 46 10.99 14.54 -12.61
CA GLN A 46 9.95 13.57 -12.83
C GLN A 46 10.33 12.67 -14.00
N MET A 47 10.09 11.37 -13.83
CA MET A 47 10.37 10.35 -14.85
C MET A 47 9.45 10.45 -16.06
N GLY A 48 9.90 9.87 -17.18
CA GLY A 48 9.13 9.86 -18.41
C GLY A 48 8.15 8.71 -18.53
N ASP A 49 7.34 8.73 -19.59
CA ASP A 49 6.26 7.76 -19.78
C ASP A 49 6.67 6.44 -20.46
N LEU A 50 5.80 5.44 -20.32
CA LEU A 50 5.87 4.18 -21.05
C LEU A 50 4.48 3.94 -21.63
N GLY A 51 4.31 2.83 -22.34
CA GLY A 51 2.99 2.51 -22.89
C GLY A 51 3.04 1.80 -24.22
N LEU A 52 2.08 2.13 -25.09
CA LEU A 52 1.96 1.45 -26.39
C LEU A 52 1.74 2.45 -27.52
N ILE A 53 2.41 2.22 -28.64
CA ILE A 53 2.13 2.88 -29.91
C ILE A 53 1.83 1.78 -30.93
N ASP A 54 0.59 1.76 -31.42
CA ASP A 54 0.07 0.74 -32.34
C ASP A 54 0.29 -0.69 -31.81
N GLY A 55 0.06 -0.87 -30.51
CA GLY A 55 0.25 -2.18 -29.86
C GLY A 55 1.69 -2.57 -29.61
N ILE A 56 2.64 -1.74 -30.04
CA ILE A 56 4.07 -1.99 -29.83
C ILE A 56 4.51 -1.24 -28.59
N LYS A 57 5.14 -1.94 -27.66
CA LYS A 57 5.49 -1.31 -26.38
C LYS A 57 6.61 -0.27 -26.45
N VAL A 58 6.31 0.90 -25.88
CA VAL A 58 7.25 1.99 -25.73
C VAL A 58 8.11 1.70 -24.50
N LEU A 59 9.42 1.60 -24.71
CA LEU A 59 10.36 1.18 -23.66
C LEU A 59 11.06 2.36 -23.02
N ASP A 60 11.15 3.46 -23.76
CA ASP A 60 11.84 4.65 -23.30
C ASP A 60 11.32 5.85 -24.08
N VAL A 61 11.28 7.00 -23.41
CA VAL A 61 10.94 8.25 -24.05
C VAL A 61 11.98 9.25 -23.60
N TYR A 62 12.57 9.97 -24.55
CA TYR A 62 13.53 11.01 -24.25
C TYR A 62 13.33 12.19 -25.18
N GLU A 63 13.86 13.34 -24.79
CA GLU A 63 13.81 14.54 -25.62
C GLU A 63 15.22 14.90 -26.09
N GLU A 64 15.35 15.14 -27.39
CA GLU A 64 16.62 15.58 -27.96
C GLU A 64 16.37 16.72 -28.95
N GLU A 65 16.96 17.87 -28.64
CA GLU A 65 16.84 19.12 -29.44
C GLU A 65 15.38 19.54 -29.68
N GLY A 66 14.58 19.49 -28.62
CA GLY A 66 13.17 19.87 -28.67
C GLY A 66 12.25 18.85 -29.29
N LYS A 67 12.74 17.62 -29.46
CA LYS A 67 11.94 16.58 -30.11
C LYS A 67 11.84 15.34 -29.23
N VAL A 68 10.62 14.84 -29.07
CA VAL A 68 10.35 13.70 -28.21
C VAL A 68 10.44 12.40 -29.01
N TYR A 69 11.38 11.55 -28.62
CA TYR A 69 11.63 10.27 -29.28
C TYR A 69 11.15 9.08 -28.47
N HIS A 70 10.50 8.14 -29.15
CA HIS A 70 9.91 6.97 -28.52
C HIS A 70 10.69 5.73 -28.96
N VAL A 71 11.22 4.99 -27.99
CA VAL A 71 11.95 3.77 -28.27
C VAL A 71 10.99 2.59 -28.27
N LEU A 72 10.78 2.02 -29.45
CA LEU A 72 9.85 0.91 -29.63
C LEU A 72 10.61 -0.41 -29.70
N GLU A 73 10.07 -1.47 -29.10
CA GLU A 73 10.77 -2.76 -29.09
C GLU A 73 10.64 -3.54 -30.40
N LYS A 74 9.61 -3.24 -31.18
CA LYS A 74 9.39 -3.89 -32.48
C LYS A 74 9.31 -2.87 -33.62
N GLU A 75 9.45 -3.38 -34.85
CA GLU A 75 9.41 -2.53 -36.03
C GLU A 75 7.98 -2.10 -36.35
N PRO A 76 7.77 -0.78 -36.52
CA PRO A 76 6.50 -0.26 -37.00
C PRO A 76 6.19 -0.74 -38.41
N LYS A 77 4.92 -1.07 -38.67
CA LYS A 77 4.47 -1.42 -40.01
C LYS A 77 3.60 -0.27 -40.52
N LYS A 78 2.38 -0.19 -40.00
CA LYS A 78 1.48 0.95 -40.21
C LYS A 78 2.06 2.18 -39.52
N LEU A 79 1.93 3.35 -40.16
CA LEU A 79 2.47 4.56 -39.56
C LEU A 79 1.54 5.79 -39.49
N LYS A 80 0.32 5.67 -40.00
CA LYS A 80 -0.65 6.76 -39.91
C LYS A 80 -1.83 6.36 -39.02
N ASN A 81 -2.41 7.36 -38.34
CA ASN A 81 -3.63 7.18 -37.55
C ASN A 81 -3.51 6.05 -36.51
N LEU A 82 -2.42 6.07 -35.77
CA LEU A 82 -2.10 4.98 -34.84
C LEU A 82 -2.74 5.22 -33.49
N GLN A 83 -3.27 4.16 -32.90
CA GLN A 83 -3.74 4.18 -31.51
C GLN A 83 -2.55 4.18 -30.55
N CYS A 84 -2.40 5.28 -29.82
CA CYS A 84 -1.32 5.41 -28.84
C CYS A 84 -1.89 5.60 -27.45
N GLU A 85 -1.44 4.76 -26.51
CA GLU A 85 -1.92 4.85 -25.13
C GLU A 85 -0.82 4.80 -24.06
N LEU A 86 -0.94 5.70 -23.10
CA LEU A 86 0.01 5.78 -21.99
C LEU A 86 -0.24 4.65 -21.01
N ASP A 87 0.83 4.22 -20.34
CA ASP A 87 0.73 3.50 -19.07
C ASP A 87 0.29 4.59 -18.09
N TRP A 88 -1.01 4.65 -17.82
CA TRP A 88 -1.58 5.72 -17.00
C TRP A 88 -1.23 5.61 -15.51
N GLU A 89 -1.08 4.39 -15.03
CA GLU A 89 -0.71 4.15 -13.63
C GLU A 89 0.66 4.76 -13.31
N ARG A 90 1.64 4.53 -14.18
CA ARG A 90 2.96 5.11 -14.05
C ARG A 90 2.91 6.64 -14.13
N ARG A 91 2.15 7.14 -15.09
CA ARG A 91 1.99 8.58 -15.33
C ARG A 91 1.49 9.24 -14.07
N PHE A 92 0.35 8.77 -13.61
CA PHE A 92 -0.40 9.39 -12.51
C PHE A 92 0.38 9.29 -11.20
N ASP A 93 1.04 8.16 -10.99
CA ASP A 93 1.92 7.98 -9.83
C ASP A 93 2.95 9.12 -9.73
N GLY A 94 3.67 9.37 -10.82
CA GLY A 94 4.63 10.46 -10.90
C GLY A 94 4.01 11.83 -10.76
N MET A 95 2.82 12.02 -11.34
CA MET A 95 2.07 13.27 -11.17
C MET A 95 1.79 13.57 -9.69
N GLN A 96 1.32 12.55 -8.96
CA GLN A 96 0.99 12.65 -7.52
C GLN A 96 2.21 12.92 -6.64
N GLN A 97 3.32 12.20 -6.87
CA GLN A 97 4.55 12.41 -6.07
C GLN A 97 5.15 13.78 -6.24
N HIS A 98 5.05 14.33 -7.46
CA HIS A 98 5.62 15.64 -7.75
C HIS A 98 4.80 16.76 -7.12
N LEU A 99 3.48 16.74 -7.32
CA LEU A 99 2.61 17.72 -6.69
C LEU A 99 2.66 17.55 -5.15
N GLY A 100 2.72 16.31 -4.69
CA GLY A 100 2.93 16.00 -3.28
C GLY A 100 4.11 16.75 -2.65
N GLN A 101 5.25 16.73 -3.34
CA GLN A 101 6.41 17.53 -2.95
C GLN A 101 6.12 19.03 -2.91
N HIS A 102 5.54 19.56 -3.98
CA HIS A 102 5.18 21.00 -4.05
C HIS A 102 4.25 21.42 -2.91
N LEU A 103 3.27 20.56 -2.62
CA LEU A 103 2.29 20.81 -1.57
C LEU A 103 2.94 20.91 -0.18
N LEU A 104 3.75 19.91 0.15
CA LEU A 104 4.49 19.86 1.42
C LEU A 104 5.41 21.05 1.57
N SER A 105 6.17 21.32 0.51
CA SER A 105 7.09 22.45 0.48
C SER A 105 6.34 23.76 0.78
N GLY A 106 5.18 23.91 0.16
CA GLY A 106 4.33 25.11 0.31
C GLY A 106 3.72 25.21 1.69
N CYS A 107 3.38 24.07 2.29
CA CYS A 107 2.87 24.01 3.67
C CYS A 107 3.95 24.34 4.70
N PHE A 108 5.13 23.75 4.53
CA PHE A 108 6.26 24.10 5.39
C PHE A 108 6.61 25.58 5.41
N TYR A 109 6.57 26.23 4.25
CA TYR A 109 6.83 27.66 4.16
C TYR A 109 5.69 28.49 4.71
N ASP A 110 4.46 28.13 4.37
CA ASP A 110 3.28 28.87 4.81
C ASP A 110 3.11 28.83 6.33
N LEU A 111 3.31 27.65 6.93
CA LEU A 111 3.15 27.48 8.37
C LEU A 111 4.35 27.99 9.18
N PHE A 112 5.56 27.59 8.78
CA PHE A 112 6.75 27.81 9.62
C PHE A 112 7.84 28.69 9.01
N GLY A 113 7.64 29.17 7.77
CA GLY A 113 8.66 29.92 7.06
C GLY A 113 9.86 29.09 6.64
N ALA A 114 9.69 27.77 6.62
CA ALA A 114 10.78 26.84 6.37
C ALA A 114 10.96 26.60 4.87
N ASN A 115 12.19 26.80 4.38
CA ASN A 115 12.48 26.73 2.95
C ASN A 115 12.88 25.33 2.51
N THR A 116 12.64 25.03 1.24
CA THR A 116 13.05 23.78 0.59
C THR A 116 14.37 24.05 -0.14
N CYS A 117 15.27 23.07 -0.09
CA CYS A 117 16.57 23.18 -0.75
C CYS A 117 16.90 21.96 -1.61
N GLY A 118 15.98 21.01 -1.67
CA GLY A 118 16.16 19.82 -2.51
C GLY A 118 14.94 18.92 -2.53
N PHE A 119 14.91 18.02 -3.53
CA PHE A 119 13.84 17.03 -3.69
C PHE A 119 14.34 15.88 -4.56
N HIS A 120 13.76 14.70 -4.36
CA HIS A 120 14.07 13.56 -5.21
C HIS A 120 12.79 12.76 -5.38
N LEU A 121 12.46 12.45 -6.63
CA LEU A 121 11.32 11.60 -6.94
C LEU A 121 11.86 10.27 -7.43
N GLY A 122 11.70 9.23 -6.63
CA GLY A 122 12.19 7.91 -7.00
C GLY A 122 11.03 6.98 -7.24
N LYS A 123 11.29 5.76 -7.67
CA LYS A 123 10.23 4.81 -8.01
C LYS A 123 9.62 4.22 -6.77
N GLU A 124 10.45 4.01 -5.77
CA GLU A 124 9.99 3.42 -4.51
C GLU A 124 9.57 4.48 -3.50
N ILE A 125 10.43 5.47 -3.28
CA ILE A 125 10.17 6.53 -2.30
C ILE A 125 10.51 7.90 -2.88
N SER A 126 10.01 8.97 -2.27
CA SER A 126 10.37 10.31 -2.68
C SER A 126 10.83 11.08 -1.47
N THR A 127 11.73 12.04 -1.66
CA THR A 127 12.18 12.92 -0.59
C THR A 127 12.02 14.40 -0.92
N VAL A 128 11.95 15.20 0.14
CA VAL A 128 12.02 16.66 0.09
C VAL A 128 12.96 17.09 1.23
N ASP A 129 13.86 18.05 0.96
CA ASP A 129 14.81 18.56 1.97
C ASP A 129 14.35 19.93 2.44
N ILE A 130 14.17 20.09 3.74
CA ILE A 130 13.77 21.37 4.33
C ILE A 130 14.96 21.93 5.10
N VAL A 131 15.22 23.22 4.93
CA VAL A 131 16.37 23.85 5.58
C VAL A 131 16.17 23.95 7.10
N GLY A 132 17.13 23.41 7.85
CA GLY A 132 17.12 23.50 9.30
C GLY A 132 16.65 22.22 9.97
N PHE A 133 16.78 22.18 11.29
CA PHE A 133 16.26 21.10 12.11
C PHE A 133 14.76 21.28 12.27
N LEU A 134 14.02 20.19 12.19
CA LEU A 134 12.60 20.20 12.44
C LEU A 134 12.27 19.12 13.46
N ASP A 135 11.48 19.47 14.46
CA ASP A 135 11.02 18.47 15.41
C ASP A 135 9.82 17.72 14.86
N GLU A 136 9.46 16.61 15.50
CA GLU A 136 8.34 15.77 15.08
C GLU A 136 7.02 16.53 15.06
N LYS A 137 6.82 17.40 16.04
CA LYS A 137 5.61 18.22 16.13
C LYS A 137 5.35 19.03 14.86
N THR A 138 6.37 19.75 14.38
CA THR A 138 6.22 20.65 13.23
C THR A 138 6.02 19.87 11.93
N ILE A 139 6.75 18.76 11.82
CA ILE A 139 6.63 17.87 10.67
C ILE A 139 5.21 17.30 10.56
N ARG A 140 4.69 16.78 11.67
CA ARG A 140 3.32 16.23 11.70
C ARG A 140 2.24 17.30 11.49
N GLU A 141 2.51 18.54 11.90
CA GLU A 141 1.60 19.65 11.61
C GLU A 141 1.56 20.01 10.11
N ALA A 142 2.70 19.85 9.43
CA ALA A 142 2.75 20.12 7.98
C ALA A 142 2.04 19.01 7.19
N GLU A 143 2.27 17.76 7.58
CA GLU A 143 1.53 16.60 7.07
C GLU A 143 0.01 16.75 7.20
N LYS A 144 -0.44 17.22 8.37
CA LYS A 144 -1.85 17.45 8.65
C LYS A 144 -2.42 18.53 7.73
N GLU A 145 -1.70 19.65 7.62
CA GLU A 145 -2.12 20.77 6.79
C GLU A 145 -2.14 20.41 5.30
N ALA A 146 -1.16 19.62 4.86
CA ALA A 146 -1.13 19.15 3.47
C ALA A 146 -2.40 18.36 3.14
N ASN A 147 -2.73 17.41 4.01
CA ASN A 147 -3.92 16.59 3.88
C ASN A 147 -5.20 17.41 4.01
N ARG A 148 -5.18 18.45 4.83
CA ARG A 148 -6.28 19.39 4.94
C ARG A 148 -6.53 20.13 3.62
N LEU A 149 -5.45 20.56 2.95
CA LEU A 149 -5.58 21.26 1.67
C LEU A 149 -5.93 20.32 0.51
N ILE A 150 -5.57 19.03 0.63
CA ILE A 150 -6.06 18.02 -0.31
C ILE A 150 -7.60 17.99 -0.28
N PHE A 151 -8.14 17.91 0.93
CA PHE A 151 -9.57 17.85 1.03
CA PHE A 151 -9.58 17.90 1.22
C PHE A 151 -10.26 19.20 0.79
N GLU A 152 -9.53 20.31 0.95
CA GLU A 152 -10.03 21.63 0.55
C GLU A 152 -10.08 21.79 -0.99
N ASN A 153 -9.32 20.93 -1.68
CA ASN A 153 -9.31 20.85 -3.15
C ASN A 153 -8.92 22.12 -3.90
N LEU A 154 -7.68 22.58 -3.67
CA LEU A 154 -7.23 23.80 -4.35
C LEU A 154 -6.91 23.52 -5.80
N GLU A 155 -7.15 24.51 -6.65
CA GLU A 155 -6.80 24.45 -8.06
C GLU A 155 -5.28 24.48 -8.22
N VAL A 156 -4.76 23.60 -9.08
CA VAL A 156 -3.35 23.61 -9.44
C VAL A 156 -3.23 23.97 -10.94
N LYS A 157 -2.78 25.19 -11.22
CA LYS A 157 -2.62 25.64 -12.61
C LYS A 157 -1.21 25.42 -13.16
N SER A 158 -1.11 24.73 -14.29
CA SER A 158 0.14 24.60 -15.03
C SER A 158 0.05 25.39 -16.35
N TYR A 159 0.93 26.35 -16.53
CA TYR A 159 0.87 27.25 -17.68
C TYR A 159 2.25 27.78 -18.10
N ALA A 160 2.37 28.14 -19.38
CA ALA A 160 3.55 28.82 -19.88
C ALA A 160 3.16 30.27 -20.14
N PRO A 161 3.47 31.17 -19.20
CA PRO A 161 3.10 32.59 -19.34
C PRO A 161 3.68 33.24 -20.58
N SER A 162 2.87 34.07 -21.22
CA SER A 162 3.33 35.00 -22.24
C SER A 162 4.28 36.01 -21.59
N LYS A 163 5.24 36.49 -22.36
CA LYS A 163 6.25 37.47 -21.88
C LYS A 163 5.62 38.73 -21.29
N LYS A 164 4.41 39.06 -21.74
CA LYS A 164 3.57 40.11 -21.15
C LYS A 164 3.18 39.75 -19.72
N GLU A 165 2.54 38.60 -19.55
CA GLU A 165 2.04 38.19 -18.23
C GLU A 165 3.13 37.62 -17.32
N LEU A 166 4.30 37.35 -17.88
CA LEU A 166 5.47 36.86 -17.12
C LEU A 166 6.06 37.94 -16.23
N LYS A 167 5.84 39.20 -16.60
CA LYS A 167 6.32 40.35 -15.83
C LYS A 167 5.48 40.60 -14.58
N LYS A 168 4.23 40.13 -14.59
CA LYS A 168 3.35 40.22 -13.42
C LYS A 168 3.40 38.99 -12.53
N VAL A 169 4.25 38.02 -12.89
CA VAL A 169 4.43 36.80 -12.10
C VAL A 169 5.30 37.08 -10.88
N LYS A 170 4.73 36.86 -9.69
CA LYS A 170 5.46 37.05 -8.45
C LYS A 170 5.93 35.71 -7.91
N THR A 171 7.25 35.59 -7.77
CA THR A 171 7.86 34.36 -7.28
C THR A 171 8.90 34.68 -6.20
N ARG A 172 9.15 33.73 -5.30
CA ARG A 172 10.11 33.93 -4.20
C ARG A 172 11.54 33.52 -4.56
N ARG A 173 11.67 32.66 -5.57
CA ARG A 173 12.95 32.30 -6.16
C ARG A 173 13.04 32.94 -7.52
N ALA A 174 14.24 33.41 -7.86
CA ALA A 174 14.49 34.00 -9.17
C ALA A 174 14.33 32.96 -10.27
N LEU A 175 13.77 33.41 -11.39
CA LEU A 175 13.47 32.54 -12.52
C LEU A 175 14.75 32.24 -13.30
N PRO A 176 14.79 31.08 -13.99
CA PRO A 176 16.00 30.73 -14.74
C PRO A 176 16.21 31.64 -15.95
N LYS A 177 17.47 31.82 -16.32
CA LYS A 177 17.82 32.43 -17.60
C LYS A 177 17.91 31.26 -18.57
N THR A 178 16.98 31.22 -19.54
CA THR A 178 16.97 30.14 -20.54
C THR A 178 16.48 30.63 -21.89
N ASP A 179 16.78 29.83 -22.92
CA ASP A 179 16.23 30.01 -24.25
C ASP A 179 14.85 29.35 -24.35
N GLU A 180 14.66 28.33 -23.51
CA GLU A 180 13.37 27.63 -23.38
C GLU A 180 12.32 28.51 -22.71
N GLU A 181 11.05 28.18 -22.91
CA GLU A 181 9.97 28.89 -22.24
C GLU A 181 9.85 28.49 -20.76
N ILE A 182 9.57 29.48 -19.91
CA ILE A 182 9.32 29.23 -18.50
C ILE A 182 7.90 28.67 -18.32
N ARG A 183 7.80 27.48 -17.71
CA ARG A 183 6.50 26.96 -17.27
C ARG A 183 6.33 27.26 -15.78
N ILE A 184 5.09 27.54 -15.39
CA ILE A 184 4.77 27.83 -14.00
C ILE A 184 3.75 26.79 -13.50
N VAL A 185 3.98 26.27 -12.28
CA VAL A 185 2.99 25.46 -11.58
C VAL A 185 2.57 26.20 -10.32
N GLU A 186 1.27 26.49 -10.22
CA GLU A 186 0.73 27.31 -9.15
C GLU A 186 -0.35 26.58 -8.37
N ILE A 187 -0.08 26.32 -7.09
CA ILE A 187 -1.13 25.83 -6.19
C ILE A 187 -1.91 27.07 -5.71
N VAL A 188 -3.09 27.29 -6.27
CA VAL A 188 -3.83 28.54 -6.10
C VAL A 188 -4.10 28.87 -4.63
N GLY A 189 -3.50 29.96 -4.18
CA GLY A 189 -3.64 30.42 -2.80
C GLY A 189 -2.49 30.03 -1.90
N LEU A 190 -1.66 29.09 -2.35
CA LEU A 190 -0.56 28.58 -1.54
C LEU A 190 0.83 28.87 -2.08
N ASP A 191 1.09 28.43 -3.32
CA ASP A 191 2.46 28.39 -3.85
C ASP A 191 2.49 28.63 -5.37
N LEU A 192 3.62 29.13 -5.86
CA LEU A 192 3.82 29.43 -7.27
C LEU A 192 5.31 29.27 -7.57
N ASN A 193 5.61 28.22 -8.29
CA ASN A 193 7.05 27.91 -8.65
C ASN A 193 7.22 27.56 -10.19
N ALA A 194 8.43 27.84 -10.66
CA ALA A 194 8.76 27.43 -12.00
C ALA A 194 9.02 25.93 -11.95
N CYS A 195 8.33 25.21 -12.82
CA CYS A 195 8.42 23.75 -12.86
C CYS A 195 8.08 23.22 -14.24
N CYS A 196 8.89 22.27 -14.72
CA CYS A 196 8.70 21.58 -15.99
C CYS A 196 7.97 20.25 -15.80
N GLY A 197 7.46 20.01 -14.59
CA GLY A 197 6.74 18.78 -14.30
C GLY A 197 5.36 18.72 -14.94
N VAL A 198 4.79 17.53 -14.95
CA VAL A 198 3.39 17.30 -15.30
C VAL A 198 2.61 16.99 -14.01
N HIS A 199 1.75 17.93 -13.64
CA HIS A 199 1.02 17.89 -12.38
C HIS A 199 -0.48 17.60 -12.56
N PRO A 200 -1.15 17.05 -11.52
CA PRO A 200 -2.61 17.01 -11.52
C PRO A 200 -3.19 18.43 -11.50
N ARG A 201 -4.47 18.59 -11.81
CA ARG A 201 -5.06 19.93 -11.91
C ARG A 201 -5.72 20.38 -10.63
N ASN A 202 -5.74 19.51 -9.63
CA ASN A 202 -6.19 19.87 -8.29
C ASN A 202 -5.49 19.07 -7.20
N THR A 203 -5.56 19.57 -5.95
CA THR A 203 -4.95 18.86 -4.81
C THR A 203 -5.74 17.60 -4.40
N ARG A 204 -7.04 17.56 -4.68
CA ARG A 204 -7.87 16.38 -4.38
C ARG A 204 -7.37 15.12 -5.09
N ASP A 205 -6.83 15.30 -6.30
CA ASP A 205 -6.20 14.21 -7.06
C ASP A 205 -5.06 13.50 -6.35
N LEU A 206 -4.48 14.12 -5.32
CA LEU A 206 -3.45 13.48 -4.50
C LEU A 206 -3.97 12.36 -3.59
N GLN A 207 -5.27 12.38 -3.29
CA GLN A 207 -5.97 11.43 -2.40
C GLN A 207 -5.58 11.62 -0.93
N VAL A 208 -4.32 11.32 -0.63
CA VAL A 208 -3.75 11.38 0.71
C VAL A 208 -2.22 11.51 0.60
N ILE A 209 -1.61 12.16 1.59
CA ILE A 209 -0.17 12.26 1.68
C ILE A 209 0.33 11.84 3.08
N LYS A 210 1.32 10.95 3.10
CA LYS A 210 1.89 10.47 4.34
C LYS A 210 3.39 10.69 4.38
N ILE A 211 3.86 11.31 5.47
CA ILE A 211 5.29 11.36 5.76
C ILE A 211 5.69 10.07 6.49
N ARG A 212 6.68 9.40 5.91
CA ARG A 212 7.13 8.08 6.34
CA ARG A 212 7.10 8.08 6.38
C ARG A 212 8.12 8.15 7.50
N ARG A 213 9.17 8.95 7.30
CA ARG A 213 10.30 9.08 8.22
C ARG A 213 11.10 10.28 7.76
N TRP A 214 12.02 10.74 8.61
CA TRP A 214 12.90 11.86 8.29
C TRP A 214 14.23 11.71 9.00
N GLU A 215 15.28 12.30 8.45
CA GLU A 215 16.59 12.37 9.10
C GLU A 215 17.35 13.63 8.69
N LYS A 216 18.40 13.95 9.44
CA LYS A 216 19.23 15.11 9.14
CA LYS A 216 19.24 15.10 9.14
C LYS A 216 20.11 14.81 7.92
N HIS A 217 20.20 15.77 7.01
CA HIS A 217 21.15 15.69 5.91
C HIS A 217 21.86 17.03 5.81
N LYS A 218 23.11 17.06 6.25
CA LYS A 218 23.90 18.30 6.40
C LYS A 218 23.11 19.39 7.12
N ASN A 219 22.76 20.47 6.43
CA ASN A 219 22.02 21.58 7.06
C ASN A 219 20.50 21.47 6.91
N ALA A 220 20.04 20.30 6.50
CA ALA A 220 18.64 20.11 6.15
C ALA A 220 18.01 18.90 6.84
N THR A 221 16.67 18.85 6.85
CA THR A 221 15.94 17.64 7.22
C THR A 221 15.41 16.99 5.95
N ARG A 222 15.93 15.80 5.65
CA ARG A 222 15.47 15.01 4.52
C ARG A 222 14.24 14.19 4.92
N ILE A 223 13.10 14.52 4.31
CA ILE A 223 11.80 13.94 4.65
C ILE A 223 11.33 12.95 3.58
N GLU A 224 11.12 11.69 3.94
CA GLU A 224 10.53 10.68 3.03
C GLU A 224 9.00 10.74 3.05
N TYR A 225 8.38 10.79 1.87
CA TYR A 225 6.92 10.85 1.77
C TYR A 225 6.34 9.94 0.69
N VAL A 226 5.04 9.67 0.82
CA VAL A 226 4.25 8.98 -0.20
C VAL A 226 2.93 9.71 -0.41
N ALA A 227 2.51 9.83 -1.66
CA ALA A 227 1.20 10.39 -1.98
C ALA A 227 0.41 9.41 -2.84
N GLY A 228 -0.92 9.55 -2.80
CA GLY A 228 -1.80 8.75 -3.65
C GLY A 228 -1.83 7.27 -3.33
N ASN A 229 -1.67 6.46 -4.38
CA ASN A 229 -1.76 4.99 -4.27
C ASN A 229 -0.58 4.35 -3.53
N ARG A 230 0.54 5.06 -3.49
CA ARG A 230 1.70 4.66 -2.70
C ARG A 230 1.44 4.74 -1.19
N ALA A 231 0.56 5.65 -0.78
CA ALA A 231 0.29 5.89 0.63
C ALA A 231 -0.66 4.88 1.27
N VAL A 232 -1.30 4.07 0.43
CA VAL A 232 -2.30 3.09 0.88
C VAL A 232 -1.87 1.65 0.54
N LEU B 3 10.42 -10.86 26.24
CA LEU B 3 10.05 -10.23 24.93
C LEU B 3 8.55 -10.36 24.64
N THR B 4 7.89 -9.24 24.45
CA THR B 4 6.43 -9.24 24.38
C THR B 4 5.83 -9.40 22.96
N LYS B 5 4.73 -10.13 22.91
CA LYS B 5 3.99 -10.38 21.68
C LYS B 5 2.63 -9.72 21.79
N LEU B 6 2.55 -8.48 21.29
CA LEU B 6 1.37 -7.63 21.41
C LEU B 6 0.14 -8.18 20.70
N TYR B 7 0.34 -9.05 19.72
CA TYR B 7 -0.76 -9.61 18.96
C TYR B 7 -1.55 -10.65 19.76
N TYR B 8 -0.90 -11.24 20.76
CA TYR B 8 -1.58 -12.13 21.71
C TYR B 8 -2.17 -11.40 22.91
N GLU B 9 -1.76 -10.15 23.13
CA GLU B 9 -2.26 -9.36 24.26
C GLU B 9 -3.46 -8.49 23.89
N ASP B 10 -3.35 -7.79 22.77
CA ASP B 10 -4.47 -7.02 22.21
C ASP B 10 -4.34 -7.04 20.70
N GLN B 11 -5.18 -7.83 20.08
CA GLN B 11 -5.10 -8.17 18.66
C GLN B 11 -5.59 -7.04 17.77
N TYR B 12 -6.02 -5.93 18.39
CA TYR B 12 -6.54 -4.79 17.65
C TYR B 12 -5.57 -3.62 17.61
N ILE B 13 -4.45 -3.73 18.34
CA ILE B 13 -3.35 -2.77 18.26
C ILE B 13 -2.83 -2.76 16.83
N LYS B 14 -2.89 -1.57 16.22
CA LYS B 14 -2.63 -1.34 14.80
C LYS B 14 -1.32 -0.55 14.69
N GLU B 15 -1.09 0.34 15.66
CA GLU B 15 0.10 1.19 15.75
C GLU B 15 0.70 1.02 17.14
N PHE B 16 2.03 1.04 17.20
CA PHE B 16 2.72 0.88 18.47
C PHE B 16 4.13 1.48 18.41
N LYS B 17 4.73 1.68 19.58
CA LYS B 17 6.10 2.12 19.71
C LYS B 17 6.98 0.93 20.08
N GLY B 18 8.13 0.85 19.42
CA GLY B 18 9.05 -0.27 19.65
C GLY B 18 10.49 0.19 19.69
N GLU B 19 11.35 -0.67 20.21
CA GLU B 19 12.78 -0.41 20.24
C GLU B 19 13.51 -1.60 19.65
N ILE B 20 14.34 -1.35 18.64
CA ILE B 20 15.18 -2.40 18.08
C ILE B 20 16.19 -2.88 19.13
N ILE B 21 16.06 -4.15 19.49
CA ILE B 21 16.88 -4.79 20.51
C ILE B 21 18.15 -5.45 19.92
N GLU B 22 18.03 -5.88 18.65
CA GLU B 22 19.08 -6.59 17.94
C GLU B 22 18.88 -6.36 16.45
N VAL B 23 19.99 -6.19 15.72
CA VAL B 23 19.99 -6.20 14.25
C VAL B 23 20.90 -7.32 13.76
N LYS B 24 20.38 -8.13 12.84
CA LYS B 24 21.16 -9.14 12.15
C LYS B 24 21.30 -8.74 10.69
N GLU B 25 22.53 -8.71 10.18
CA GLU B 25 22.69 -8.59 8.73
C GLU B 25 22.80 -9.97 8.12
N ILE B 26 21.79 -10.33 7.32
CA ILE B 26 21.72 -11.63 6.65
C ILE B 26 21.57 -11.40 5.15
N ASP B 27 22.59 -11.79 4.39
CA ASP B 27 22.61 -11.69 2.91
C ASP B 27 22.22 -10.29 2.39
N GLY B 28 22.82 -9.26 2.99
CA GLY B 28 22.50 -7.88 2.62
C GLY B 28 21.34 -7.21 3.33
N LYS B 29 20.44 -8.02 3.90
CA LYS B 29 19.22 -7.52 4.56
C LYS B 29 19.34 -7.38 6.08
N PHE B 30 18.48 -6.56 6.66
CA PHE B 30 18.53 -6.28 8.10
C PHE B 30 17.34 -6.85 8.86
N HIS B 31 17.61 -7.84 9.70
CA HIS B 31 16.60 -8.56 10.47
C HIS B 31 16.57 -8.03 11.89
N VAL B 32 15.49 -7.36 12.25
CA VAL B 32 15.39 -6.68 13.54
C VAL B 32 14.49 -7.38 14.58
N LEU B 33 14.93 -7.32 15.82
CA LEU B 33 14.16 -7.84 16.93
C LEU B 33 13.70 -6.62 17.73
N LEU B 34 12.44 -6.61 18.14
CA LEU B 34 11.91 -5.51 18.94
C LEU B 34 11.67 -5.98 20.37
N ASP B 35 11.67 -5.04 21.31
CA ASP B 35 11.27 -5.31 22.70
C ASP B 35 9.83 -5.82 22.78
N GLN B 36 8.95 -5.17 22.02
CA GLN B 36 7.57 -5.60 21.88
C GLN B 36 7.15 -5.45 20.41
N THR B 37 6.33 -6.38 19.92
CA THR B 37 5.86 -6.29 18.54
C THR B 37 4.40 -6.75 18.39
N ALA B 38 3.65 -6.02 17.56
CA ALA B 38 2.31 -6.44 17.18
C ALA B 38 2.33 -7.19 15.84
N PHE B 39 3.53 -7.41 15.27
CA PHE B 39 3.66 -8.08 13.98
C PHE B 39 3.63 -9.60 14.22
N PHE B 40 2.59 -10.26 13.74
CA PHE B 40 2.36 -11.69 13.90
C PHE B 40 3.26 -12.42 12.90
N PRO B 41 4.08 -13.39 13.37
CA PRO B 41 4.92 -14.17 12.45
C PRO B 41 4.23 -15.26 11.62
N GLY B 42 2.93 -15.43 11.80
CA GLY B 42 2.24 -16.53 11.16
C GLY B 42 2.10 -17.70 12.14
N GLY B 43 1.16 -18.59 11.86
CA GLY B 43 0.92 -19.74 12.74
C GLY B 43 -0.52 -20.17 12.67
N GLY B 44 -0.77 -21.44 12.98
CA GLY B 44 -2.10 -22.03 12.86
C GLY B 44 -2.64 -22.09 11.42
N GLY B 45 -1.76 -21.92 10.44
CA GLY B 45 -2.16 -21.86 9.04
C GLY B 45 -2.47 -20.45 8.54
N GLN B 46 -2.32 -19.47 9.44
CA GLN B 46 -2.61 -18.06 9.16
C GLN B 46 -1.31 -17.33 8.82
N MET B 47 -1.33 -16.49 7.79
CA MET B 47 -0.13 -15.81 7.32
C MET B 47 0.34 -14.73 8.27
N GLY B 48 1.64 -14.46 8.24
CA GLY B 48 2.23 -13.38 9.02
C GLY B 48 1.91 -11.98 8.51
N ASP B 49 2.24 -10.99 9.32
CA ASP B 49 1.95 -9.58 9.04
C ASP B 49 3.02 -8.88 8.19
N LEU B 50 2.61 -7.77 7.58
CA LEU B 50 3.52 -6.85 6.91
C LEU B 50 3.23 -5.45 7.45
N GLY B 51 4.06 -4.49 7.10
CA GLY B 51 3.85 -3.11 7.54
C GLY B 51 5.11 -2.27 7.59
N LEU B 52 5.14 -1.31 8.52
CA LEU B 52 6.26 -0.38 8.66
C LEU B 52 6.85 -0.35 10.07
N ILE B 53 8.17 -0.24 10.13
CA ILE B 53 8.93 0.04 11.35
C ILE B 53 9.80 1.26 11.08
N ASP B 54 9.48 2.37 11.75
CA ASP B 54 10.08 3.69 11.49
C ASP B 54 10.04 4.05 9.99
N GLY B 55 8.87 3.88 9.38
CA GLY B 55 8.67 4.20 7.97
C GLY B 55 9.46 3.37 6.98
N ILE B 56 10.05 2.26 7.44
CA ILE B 56 10.77 1.32 6.58
C ILE B 56 9.89 0.08 6.45
N LYS B 57 9.68 -0.40 5.23
CA LYS B 57 8.76 -1.52 5.07
C LYS B 57 9.33 -2.85 5.52
N VAL B 58 8.45 -3.64 6.14
CA VAL B 58 8.73 -4.96 6.65
C VAL B 58 8.37 -5.94 5.55
N LEU B 59 9.35 -6.71 5.11
CA LEU B 59 9.16 -7.61 3.98
C LEU B 59 8.70 -8.98 4.43
N ASP B 60 9.05 -9.34 5.67
CA ASP B 60 8.83 -10.68 6.20
C ASP B 60 8.90 -10.63 7.73
N VAL B 61 8.05 -11.43 8.38
CA VAL B 61 8.10 -11.62 9.83
C VAL B 61 8.17 -13.12 10.10
N TYR B 62 9.08 -13.53 10.97
CA TYR B 62 9.23 -14.94 11.31
C TYR B 62 9.68 -15.09 12.76
N GLU B 63 9.46 -16.29 13.32
CA GLU B 63 9.85 -16.59 14.69
C GLU B 63 10.95 -17.65 14.76
N GLU B 64 11.98 -17.36 15.55
CA GLU B 64 13.12 -18.24 15.76
C GLU B 64 13.48 -18.22 17.23
N GLU B 65 13.42 -19.40 17.87
CA GLU B 65 13.74 -19.56 19.30
C GLU B 65 12.85 -18.69 20.20
N GLY B 66 11.57 -18.60 19.86
CA GLY B 66 10.62 -17.78 20.63
C GLY B 66 10.76 -16.28 20.44
N LYS B 67 11.60 -15.87 19.48
CA LYS B 67 11.85 -14.45 19.20
C LYS B 67 11.32 -14.11 17.81
N VAL B 68 10.64 -12.97 17.71
CA VAL B 68 10.03 -12.54 16.44
C VAL B 68 10.91 -11.55 15.69
N TYR B 69 11.41 -11.96 14.53
CA TYR B 69 12.32 -11.14 13.72
C TYR B 69 11.58 -10.51 12.54
N HIS B 70 11.93 -9.27 12.22
CA HIS B 70 11.30 -8.51 11.13
C HIS B 70 12.35 -8.18 10.07
N VAL B 71 12.13 -8.65 8.84
CA VAL B 71 13.06 -8.44 7.73
C VAL B 71 12.77 -7.08 7.09
N LEU B 72 13.66 -6.12 7.30
CA LEU B 72 13.48 -4.77 6.78
C LEU B 72 14.13 -4.63 5.40
N GLU B 73 13.54 -3.78 4.56
CA GLU B 73 14.10 -3.57 3.22
C GLU B 73 15.34 -2.65 3.20
N LYS B 74 15.49 -1.83 4.23
CA LYS B 74 16.61 -0.91 4.39
C LYS B 74 17.28 -1.08 5.75
N GLU B 75 18.47 -0.49 5.90
CA GLU B 75 19.14 -0.41 7.20
C GLU B 75 18.45 0.62 8.10
N PRO B 76 18.16 0.25 9.36
CA PRO B 76 17.64 1.23 10.31
C PRO B 76 18.75 2.09 10.94
N LYS B 77 18.47 3.37 11.11
CA LYS B 77 19.44 4.30 11.73
C LYS B 77 19.05 4.56 13.18
N LYS B 78 17.85 5.13 13.36
CA LYS B 78 17.24 5.31 14.67
C LYS B 78 16.82 3.93 15.22
N LEU B 79 17.01 3.72 16.52
CA LEU B 79 16.73 2.42 17.14
C LEU B 79 15.66 2.45 18.24
N LYS B 80 15.61 3.55 18.98
CA LYS B 80 14.71 3.68 20.13
C LYS B 80 13.50 4.55 19.79
N ASN B 81 12.40 4.32 20.52
CA ASN B 81 11.13 5.04 20.37
C ASN B 81 10.62 5.09 18.91
N LEU B 82 10.55 3.92 18.30
CA LEU B 82 10.20 3.82 16.89
C LEU B 82 8.70 3.65 16.69
N GLN B 83 8.14 4.49 15.83
CA GLN B 83 6.75 4.38 15.42
C GLN B 83 6.63 3.23 14.42
N CYS B 84 5.76 2.28 14.74
CA CYS B 84 5.53 1.09 13.93
C CYS B 84 4.05 0.92 13.62
N GLU B 85 3.74 0.39 12.44
CA GLU B 85 2.34 0.18 12.04
C GLU B 85 2.15 -1.03 11.15
N LEU B 86 1.12 -1.81 11.46
CA LEU B 86 0.73 -2.96 10.68
C LEU B 86 0.07 -2.52 9.39
N ASP B 87 0.20 -3.38 8.38
CA ASP B 87 -0.71 -3.36 7.25
C ASP B 87 -1.96 -4.02 7.81
N TRP B 88 -2.90 -3.19 8.25
CA TRP B 88 -4.10 -3.67 8.92
C TRP B 88 -5.10 -4.39 8.01
N GLU B 89 -5.21 -3.94 6.75
CA GLU B 89 -6.06 -4.59 5.75
C GLU B 89 -5.67 -6.05 5.61
N ARG B 90 -4.37 -6.30 5.49
CA ARG B 90 -3.83 -7.66 5.44
C ARG B 90 -4.11 -8.46 6.71
N ARG B 91 -3.84 -7.85 7.86
CA ARG B 91 -4.06 -8.44 9.19
C ARG B 91 -5.49 -8.91 9.36
N PHE B 92 -6.41 -7.94 9.23
CA PHE B 92 -7.83 -8.16 9.49
C PHE B 92 -8.47 -9.14 8.53
N ASP B 93 -7.99 -9.15 7.29
CA ASP B 93 -8.47 -10.10 6.30
C ASP B 93 -8.18 -11.52 6.76
N GLY B 94 -6.95 -11.75 7.22
CA GLY B 94 -6.53 -13.06 7.75
C GLY B 94 -7.28 -13.49 8.99
N MET B 95 -7.50 -12.53 9.90
CA MET B 95 -8.27 -12.71 11.11
C MET B 95 -9.70 -13.19 10.78
N GLN B 96 -10.33 -12.57 9.79
CA GLN B 96 -11.67 -12.96 9.32
C GLN B 96 -11.73 -14.33 8.67
N GLN B 97 -10.74 -14.64 7.84
CA GLN B 97 -10.73 -15.95 7.19
C GLN B 97 -10.57 -17.09 8.20
N HIS B 98 -9.69 -16.89 9.18
CA HIS B 98 -9.43 -17.86 10.24
C HIS B 98 -10.64 -18.10 11.15
N LEU B 99 -11.21 -17.04 11.74
CA LEU B 99 -12.43 -17.18 12.52
C LEU B 99 -13.59 -17.73 11.71
N GLY B 100 -13.63 -17.37 10.43
CA GLY B 100 -14.63 -17.90 9.50
C GLY B 100 -14.66 -19.41 9.45
N GLN B 101 -13.47 -20.03 9.38
CA GLN B 101 -13.35 -21.48 9.42
C GLN B 101 -13.79 -22.02 10.77
N HIS B 102 -13.35 -21.39 11.87
CA HIS B 102 -13.76 -21.80 13.22
C HIS B 102 -15.28 -21.78 13.40
N LEU B 103 -15.93 -20.76 12.84
CA LEU B 103 -17.39 -20.60 12.95
C LEU B 103 -18.13 -21.65 12.13
N LEU B 104 -17.67 -21.86 10.90
CA LEU B 104 -18.25 -22.84 9.99
C LEU B 104 -18.11 -24.24 10.58
N SER B 105 -16.90 -24.54 11.07
CA SER B 105 -16.63 -25.82 11.75
C SER B 105 -17.51 -26.02 12.97
N GLY B 106 -17.71 -24.95 13.74
CA GLY B 106 -18.57 -24.96 14.91
C GLY B 106 -20.04 -25.18 14.57
N CYS B 107 -20.51 -24.57 13.49
CA CYS B 107 -21.89 -24.75 13.02
C CYS B 107 -22.14 -26.15 12.48
N PHE B 108 -21.24 -26.64 11.63
CA PHE B 108 -21.33 -28.03 11.14
C PHE B 108 -21.40 -29.07 12.27
N TYR B 109 -20.59 -28.90 13.32
CA TYR B 109 -20.67 -29.79 14.46
C TYR B 109 -21.93 -29.60 15.31
N ASP B 110 -22.30 -28.36 15.57
CA ASP B 110 -23.48 -28.04 16.38
C ASP B 110 -24.76 -28.56 15.74
N LEU B 111 -24.92 -28.31 14.44
CA LEU B 111 -26.13 -28.68 13.74
C LEU B 111 -26.17 -30.14 13.29
N PHE B 112 -25.03 -30.72 12.91
CA PHE B 112 -25.04 -32.04 12.26
C PHE B 112 -24.13 -33.09 12.86
N GLY B 113 -23.30 -32.71 13.82
CA GLY B 113 -22.29 -33.60 14.39
C GLY B 113 -21.17 -33.94 13.44
N ALA B 114 -21.02 -33.13 12.40
CA ALA B 114 -20.00 -33.31 11.37
C ALA B 114 -18.67 -32.70 11.81
N ASN B 115 -17.62 -33.51 11.70
CA ASN B 115 -16.28 -33.12 12.16
C ASN B 115 -15.45 -32.52 11.05
N THR B 116 -14.53 -31.64 11.44
CA THR B 116 -13.58 -31.01 10.53
C THR B 116 -12.27 -31.80 10.56
N CYS B 117 -11.75 -32.15 9.38
CA CYS B 117 -10.46 -32.85 9.33
C CYS B 117 -9.34 -32.07 8.65
N GLY B 118 -9.62 -30.85 8.19
CA GLY B 118 -8.60 -30.07 7.50
C GLY B 118 -9.09 -28.68 7.15
N PHE B 119 -8.15 -27.79 6.87
CA PHE B 119 -8.45 -26.43 6.44
C PHE B 119 -7.20 -25.85 5.77
N HIS B 120 -7.42 -24.84 4.95
CA HIS B 120 -6.36 -24.12 4.26
C HIS B 120 -6.82 -22.69 4.07
N LEU B 121 -6.03 -21.73 4.54
CA LEU B 121 -6.38 -20.31 4.42
C LEU B 121 -5.55 -19.67 3.30
N GLY B 122 -6.19 -19.38 2.17
CA GLY B 122 -5.48 -18.79 1.03
C GLY B 122 -5.74 -17.30 0.89
N LYS B 123 -5.02 -16.67 -0.03
CA LYS B 123 -5.15 -15.22 -0.24
C LYS B 123 -6.42 -14.80 -0.99
N GLU B 124 -6.95 -15.68 -1.82
CA GLU B 124 -8.20 -15.40 -2.54
C GLU B 124 -9.37 -16.22 -1.99
N ILE B 125 -9.12 -17.52 -1.82
CA ILE B 125 -10.14 -18.45 -1.37
C ILE B 125 -9.58 -19.23 -0.15
N SER B 126 -10.45 -19.61 0.78
CA SER B 126 -10.05 -20.55 1.84
C SER B 126 -10.92 -21.80 1.80
N THR B 127 -10.39 -22.92 2.31
CA THR B 127 -11.16 -24.15 2.39
C THR B 127 -11.26 -24.75 3.81
N VAL B 128 -12.29 -25.56 4.03
CA VAL B 128 -12.45 -26.35 5.25
C VAL B 128 -12.93 -27.75 4.84
N ASP B 129 -12.28 -28.79 5.35
CA ASP B 129 -12.61 -30.17 5.01
C ASP B 129 -13.49 -30.73 6.10
N ILE B 130 -14.69 -31.15 5.72
CA ILE B 130 -15.67 -31.71 6.66
C ILE B 130 -15.81 -33.20 6.35
N VAL B 131 -15.62 -34.05 7.35
CA VAL B 131 -15.65 -35.51 7.18
C VAL B 131 -17.01 -35.97 6.67
N GLY B 132 -17.00 -36.84 5.67
CA GLY B 132 -18.23 -37.37 5.10
C GLY B 132 -18.74 -36.53 3.95
N PHE B 133 -19.77 -37.02 3.27
CA PHE B 133 -20.32 -36.32 2.13
C PHE B 133 -21.60 -35.61 2.55
N LEU B 134 -21.61 -34.30 2.30
CA LEU B 134 -22.72 -33.45 2.72
C LEU B 134 -23.47 -33.01 1.48
N ASP B 135 -24.80 -32.96 1.55
CA ASP B 135 -25.59 -32.45 0.44
C ASP B 135 -25.70 -30.93 0.53
N GLU B 136 -26.20 -30.31 -0.54
CA GLU B 136 -26.37 -28.86 -0.62
C GLU B 136 -27.24 -28.29 0.52
N LYS B 137 -28.33 -29.00 0.82
CA LYS B 137 -29.27 -28.62 1.87
C LYS B 137 -28.57 -28.47 3.23
N THR B 138 -27.69 -29.43 3.55
CA THR B 138 -26.90 -29.44 4.78
C THR B 138 -25.89 -28.27 4.83
N ILE B 139 -25.20 -28.06 3.72
CA ILE B 139 -24.15 -27.03 3.58
C ILE B 139 -24.72 -25.61 3.67
N ARG B 140 -25.89 -25.41 3.04
CA ARG B 140 -26.57 -24.11 3.07
C ARG B 140 -27.14 -23.78 4.44
N GLU B 141 -27.59 -24.81 5.16
CA GLU B 141 -28.07 -24.65 6.54
C GLU B 141 -26.97 -24.20 7.49
N ALA B 142 -25.77 -24.76 7.33
CA ALA B 142 -24.63 -24.37 8.15
C ALA B 142 -24.18 -22.93 7.86
N GLU B 143 -24.19 -22.58 6.57
CA GLU B 143 -23.89 -21.22 6.09
C GLU B 143 -24.86 -20.19 6.67
N LYS B 144 -26.15 -20.55 6.72
CA LYS B 144 -27.19 -19.69 7.25
C LYS B 144 -27.05 -19.50 8.76
N GLU B 145 -26.76 -20.58 9.47
CA GLU B 145 -26.52 -20.52 10.92
C GLU B 145 -25.27 -19.70 11.28
N ALA B 146 -24.21 -19.85 10.47
CA ALA B 146 -22.98 -19.06 10.66
C ALA B 146 -23.28 -17.55 10.57
N ASN B 147 -24.03 -17.17 9.54
CA ASN B 147 -24.47 -15.80 9.37
C ASN B 147 -25.43 -15.29 10.45
N ARG B 148 -26.24 -16.20 11.01
CA ARG B 148 -27.10 -15.87 12.16
C ARG B 148 -26.28 -15.60 13.42
N LEU B 149 -25.21 -16.38 13.61
CA LEU B 149 -24.31 -16.18 14.76
C LEU B 149 -23.39 -14.96 14.60
N ILE B 150 -23.15 -14.51 13.36
CA ILE B 150 -22.53 -13.20 13.10
C ILE B 150 -23.47 -12.10 13.61
N PHE B 151 -24.76 -12.22 13.27
CA PHE B 151 -25.80 -11.30 13.74
C PHE B 151 -25.94 -11.29 15.26
N GLU B 152 -25.86 -12.45 15.89
CA GLU B 152 -25.98 -12.58 17.35
C GLU B 152 -24.83 -11.98 18.15
N ASN B 153 -23.72 -11.70 17.47
CA ASN B 153 -22.51 -11.09 18.06
C ASN B 153 -21.97 -11.85 19.28
N LEU B 154 -21.51 -13.07 19.04
CA LEU B 154 -20.93 -13.91 20.09
C LEU B 154 -19.52 -13.44 20.42
N GLU B 155 -19.20 -13.43 21.71
CA GLU B 155 -17.84 -13.14 22.16
C GLU B 155 -16.90 -14.23 21.65
N VAL B 156 -15.73 -13.83 21.15
CA VAL B 156 -14.65 -14.77 20.82
C VAL B 156 -13.47 -14.49 21.73
N LYS B 157 -13.13 -15.44 22.58
CA LYS B 157 -12.05 -15.30 23.54
C LYS B 157 -10.80 -16.03 23.09
N SER B 158 -9.69 -15.29 23.06
CA SER B 158 -8.36 -15.87 22.80
C SER B 158 -7.52 -15.72 24.06
N TYR B 159 -7.07 -16.85 24.61
CA TYR B 159 -6.31 -16.84 25.86
C TYR B 159 -5.38 -18.03 25.95
N ALA B 160 -4.33 -17.87 26.75
CA ALA B 160 -3.46 -18.97 27.12
C ALA B 160 -3.74 -19.30 28.60
N PRO B 161 -4.36 -20.47 28.85
CA PRO B 161 -4.67 -20.89 30.22
C PRO B 161 -3.43 -21.08 31.08
N SER B 162 -3.61 -20.91 32.39
CA SER B 162 -2.61 -21.31 33.37
C SER B 162 -2.57 -22.84 33.40
N LYS B 163 -1.52 -23.41 33.99
CA LYS B 163 -1.39 -24.86 34.14
C LYS B 163 -2.56 -25.47 34.92
N LYS B 164 -3.04 -24.72 35.91
CA LYS B 164 -4.22 -25.08 36.69
C LYS B 164 -5.50 -24.86 35.88
N GLU B 165 -5.61 -23.71 35.22
CA GLU B 165 -6.74 -23.38 34.35
C GLU B 165 -6.96 -24.39 33.22
N LEU B 166 -5.86 -24.97 32.74
CA LEU B 166 -5.84 -25.90 31.60
C LEU B 166 -6.57 -27.21 31.88
N LYS B 167 -6.56 -27.63 33.14
CA LYS B 167 -7.20 -28.88 33.56
C LYS B 167 -8.72 -28.77 33.55
N LYS B 168 -9.24 -27.56 33.74
CA LYS B 168 -10.68 -27.28 33.73
C LYS B 168 -11.22 -27.04 32.29
N VAL B 169 -10.33 -26.99 31.31
CA VAL B 169 -10.70 -26.71 29.91
C VAL B 169 -11.27 -27.96 29.22
N LYS B 170 -12.48 -27.83 28.66
CA LYS B 170 -13.17 -28.93 27.98
C LYS B 170 -13.05 -28.86 26.45
N THR B 171 -12.30 -29.80 25.86
CA THR B 171 -12.14 -29.89 24.40
C THR B 171 -12.58 -31.26 23.89
N ARG B 172 -13.04 -31.32 22.65
CA ARG B 172 -13.42 -32.60 22.03
C ARG B 172 -12.25 -33.30 21.32
N ARG B 173 -11.15 -32.57 21.16
CA ARG B 173 -9.88 -33.08 20.63
C ARG B 173 -8.87 -33.06 21.74
N ALA B 174 -8.01 -34.08 21.80
CA ALA B 174 -6.91 -34.07 22.75
C ALA B 174 -5.92 -32.95 22.42
N LEU B 175 -5.38 -32.36 23.48
CA LEU B 175 -4.38 -31.29 23.37
C LEU B 175 -2.99 -31.89 23.10
N PRO B 176 -2.10 -31.14 22.38
CA PRO B 176 -0.76 -31.68 22.12
C PRO B 176 0.18 -31.54 23.33
N LYS B 177 1.20 -32.39 23.39
CA LYS B 177 2.19 -32.35 24.47
C LYS B 177 3.21 -31.24 24.22
N GLU B 180 6.01 -24.79 23.92
CA GLU B 180 5.01 -23.75 23.72
C GLU B 180 3.88 -23.83 24.75
N GLU B 181 3.34 -22.66 25.12
CA GLU B 181 2.14 -22.64 25.92
C GLU B 181 0.92 -22.74 25.02
N ILE B 182 -0.06 -23.51 25.47
CA ILE B 182 -1.28 -23.78 24.72
C ILE B 182 -2.16 -22.53 24.71
N ARG B 183 -2.60 -22.15 23.52
CA ARG B 183 -3.56 -21.06 23.41
C ARG B 183 -4.90 -21.62 22.98
N ILE B 184 -5.96 -21.04 23.52
CA ILE B 184 -7.32 -21.45 23.26
C ILE B 184 -8.08 -20.32 22.58
N VAL B 185 -8.83 -20.67 21.52
CA VAL B 185 -9.81 -19.75 20.94
C VAL B 185 -11.23 -20.28 21.19
N GLU B 186 -12.04 -19.47 21.87
CA GLU B 186 -13.39 -19.87 22.27
C GLU B 186 -14.47 -18.95 21.68
N ILE B 187 -15.29 -19.52 20.81
CA ILE B 187 -16.49 -18.87 20.34
C ILE B 187 -17.54 -19.19 21.40
N VAL B 188 -17.85 -18.20 22.24
CA VAL B 188 -18.65 -18.42 23.47
C VAL B 188 -20.04 -18.99 23.18
N GLY B 189 -20.27 -20.19 23.71
CA GLY B 189 -21.55 -20.88 23.53
C GLY B 189 -21.56 -21.84 22.35
N LEU B 190 -20.43 -21.94 21.65
CA LEU B 190 -20.38 -22.73 20.43
C LEU B 190 -19.23 -23.69 20.33
N ASP B 191 -18.01 -23.20 20.41
CA ASP B 191 -16.86 -24.02 20.13
C ASP B 191 -15.70 -23.56 20.97
N LEU B 192 -14.79 -24.47 21.24
CA LEU B 192 -13.59 -24.15 21.93
C LEU B 192 -12.46 -24.98 21.36
N ASN B 193 -11.45 -24.33 20.82
CA ASN B 193 -10.37 -25.00 20.11
C ASN B 193 -9.00 -24.50 20.48
N ALA B 194 -8.04 -25.39 20.56
CA ALA B 194 -6.62 -25.03 20.66
C ALA B 194 -6.20 -24.41 19.32
N CYS B 195 -5.65 -23.20 19.37
CA CYS B 195 -5.33 -22.48 18.14
C CYS B 195 -4.32 -21.39 18.41
N CYS B 196 -3.32 -21.30 17.55
CA CYS B 196 -2.28 -20.28 17.64
C CYS B 196 -2.54 -19.08 16.74
N GLY B 197 -3.73 -18.99 16.17
CA GLY B 197 -4.05 -17.94 15.21
C GLY B 197 -4.42 -16.66 15.94
N VAL B 198 -4.68 -15.59 15.17
CA VAL B 198 -5.01 -14.28 15.74
C VAL B 198 -6.40 -13.97 15.26
N HIS B 199 -7.34 -13.83 16.21
CA HIS B 199 -8.77 -13.81 15.88
C HIS B 199 -9.43 -12.51 16.30
N PRO B 200 -10.55 -12.16 15.66
CA PRO B 200 -11.41 -11.07 16.15
C PRO B 200 -11.98 -11.41 17.53
N ARG B 201 -12.42 -10.40 18.27
CA ARG B 201 -12.96 -10.59 19.62
C ARG B 201 -14.45 -10.89 19.62
N ASN B 202 -15.05 -10.87 18.45
CA ASN B 202 -16.45 -11.25 18.28
C ASN B 202 -16.79 -11.67 16.86
N THR B 203 -17.94 -12.32 16.70
CA THR B 203 -18.36 -12.86 15.41
C THR B 203 -18.89 -11.78 14.47
N ARG B 204 -19.36 -10.67 15.05
CA ARG B 204 -19.89 -9.54 14.29
C ARG B 204 -18.83 -8.94 13.35
N ASP B 205 -17.60 -8.88 13.83
CA ASP B 205 -16.44 -8.47 13.03
C ASP B 205 -16.23 -9.23 11.71
N LEU B 206 -16.88 -10.41 11.60
CA LEU B 206 -16.81 -11.22 10.38
C LEU B 206 -17.65 -10.65 9.24
N GLN B 207 -18.65 -9.84 9.58
CA GLN B 207 -19.61 -9.21 8.65
C GLN B 207 -20.52 -10.20 7.94
N VAL B 208 -19.95 -11.08 7.11
CA VAL B 208 -20.72 -12.05 6.32
C VAL B 208 -19.80 -13.22 5.95
N ILE B 209 -20.34 -14.44 5.90
CA ILE B 209 -19.62 -15.59 5.34
C ILE B 209 -20.46 -16.14 4.19
N LYS B 210 -19.80 -16.45 3.07
CA LYS B 210 -20.46 -17.08 1.95
C LYS B 210 -19.70 -18.33 1.55
N ILE B 211 -20.40 -19.45 1.41
CA ILE B 211 -19.83 -20.64 0.81
C ILE B 211 -20.02 -20.54 -0.69
N ARG B 212 -18.90 -20.53 -1.41
CA ARG B 212 -18.90 -20.39 -2.86
CA ARG B 212 -18.88 -20.39 -2.87
C ARG B 212 -19.24 -21.72 -3.55
N ARG B 213 -18.45 -22.75 -3.25
CA ARG B 213 -18.62 -24.06 -3.88
C ARG B 213 -18.02 -25.16 -3.01
N TRP B 214 -18.18 -26.41 -3.44
CA TRP B 214 -17.60 -27.55 -2.72
C TRP B 214 -17.36 -28.75 -3.63
N GLU B 215 -16.54 -29.67 -3.15
CA GLU B 215 -16.26 -30.92 -3.85
C GLU B 215 -15.81 -32.01 -2.88
N LYS B 216 -15.95 -33.27 -3.31
CA LYS B 216 -15.39 -34.40 -2.60
C LYS B 216 -13.86 -34.37 -2.66
N HIS B 217 -13.22 -34.58 -1.52
CA HIS B 217 -11.79 -34.80 -1.46
C HIS B 217 -11.50 -35.98 -0.54
N LYS B 218 -11.26 -37.14 -1.14
CA LYS B 218 -11.08 -38.39 -0.42
C LYS B 218 -12.31 -38.71 0.45
N ASN B 219 -12.17 -38.74 1.77
CA ASN B 219 -13.31 -39.05 2.64
C ASN B 219 -14.04 -37.82 3.20
N ALA B 220 -13.69 -36.64 2.66
CA ALA B 220 -14.25 -35.38 3.15
C ALA B 220 -14.97 -34.59 2.06
N THR B 221 -15.70 -33.56 2.47
CA THR B 221 -16.22 -32.56 1.54
C THR B 221 -15.41 -31.28 1.75
N ARG B 222 -14.72 -30.86 0.69
CA ARG B 222 -13.89 -29.67 0.74
C ARG B 222 -14.74 -28.46 0.35
N ILE B 223 -14.88 -27.54 1.29
CA ILE B 223 -15.79 -26.42 1.15
C ILE B 223 -14.98 -25.15 0.96
N GLU B 224 -15.23 -24.43 -0.13
CA GLU B 224 -14.59 -23.14 -0.39
C GLU B 224 -15.48 -22.05 0.13
N TYR B 225 -14.90 -21.14 0.91
CA TYR B 225 -15.67 -20.08 1.55
C TYR B 225 -14.89 -18.78 1.55
N VAL B 226 -15.59 -17.67 1.75
CA VAL B 226 -14.97 -16.36 1.91
C VAL B 226 -15.74 -15.62 3.03
N ALA B 227 -15.03 -14.87 3.87
CA ALA B 227 -15.64 -14.08 4.94
C ALA B 227 -15.23 -12.61 4.84
N GLY B 228 -15.97 -11.75 5.52
CA GLY B 228 -15.61 -10.35 5.65
C GLY B 228 -15.72 -9.54 4.37
N ASN B 229 -14.75 -8.66 4.19
CA ASN B 229 -14.69 -7.71 3.06
CA ASN B 229 -14.78 -7.73 3.06
C ASN B 229 -14.66 -8.38 1.67
N ARG B 230 -13.93 -9.49 1.55
CA ARG B 230 -13.88 -10.18 0.25
C ARG B 230 -15.22 -10.84 -0.11
N ALA B 231 -16.13 -10.96 0.85
CA ALA B 231 -17.44 -11.53 0.60
C ALA B 231 -18.49 -10.49 0.18
N VAL B 232 -18.25 -9.21 0.48
CA VAL B 232 -19.22 -8.16 0.17
C VAL B 232 -19.20 -7.78 -1.31
ZN ZN C . 8.72 20.83 -9.44
ZN ZN D . -7.33 -22.42 14.15
#